data_2FR6
#
_entry.id   2FR6
#
_cell.length_a   82.199
_cell.length_b   92.961
_cell.length_c   180.737
_cell.angle_alpha   90.00
_cell.angle_beta   90.00
_cell.angle_gamma   90.00
#
_symmetry.space_group_name_H-M   'I 2 2 2'
#
loop_
_entity.id
_entity.type
_entity.pdbx_description
1 polymer 'Cytidine deaminase'
2 non-polymer 'ZINC ION'
3 non-polymer 'SULFATE ION'
4 non-polymer 4-AMINO-1-BETA-D-RIBOFURANOSYL-2(1H)-PYRIMIDINONE
5 non-polymer URIDINE
6 non-polymer AMMONIA
7 water water
#
_entity_poly.entity_id   1
_entity_poly.type   'polypeptide(L)'
_entity_poly.pdbx_seq_one_letter_code
;MAQERPSCAVEPEHVQRLLLSSREAKKSAYCPYSRFPVGAALLTGDGRIFSGCNIENACYPLGVCAERTAIQKAISEGYK
DFRAIAISSDLQEEFISPCGACRQVMREFGTDWAVYMTKPDGTFVVRTVQELLPASFGPEDLQKIQ
;
_entity_poly.pdbx_strand_id   A,B,C,D
#
loop_
_chem_comp.id
_chem_comp.type
_chem_comp.name
_chem_comp.formula
CTN non-polymer 4-AMINO-1-BETA-D-RIBOFURANOSYL-2(1H)-PYRIMIDINONE 'C9 H13 N3 O5'
NH3 non-polymer AMMONIA 'H3 N'
SO4 non-polymer 'SULFATE ION' 'O4 S -2'
URI non-polymer URIDINE 'C9 H12 N2 O6'
ZN non-polymer 'ZINC ION' 'Zn 2'
#
# COMPACT_ATOMS: atom_id res chain seq x y z
N VAL A 10 18.00 -23.17 -17.72
CA VAL A 10 16.58 -23.58 -17.94
C VAL A 10 16.30 -24.95 -17.33
N GLU A 11 17.37 -25.67 -16.98
CA GLU A 11 17.20 -26.99 -16.40
C GLU A 11 18.05 -27.32 -15.16
N PRO A 12 18.84 -26.36 -14.65
CA PRO A 12 19.61 -26.74 -13.47
C PRO A 12 18.59 -27.17 -12.41
N GLU A 13 18.99 -28.03 -11.48
CA GLU A 13 18.06 -28.49 -10.46
C GLU A 13 17.32 -27.37 -9.74
N HIS A 14 18.04 -26.35 -9.27
CA HIS A 14 17.38 -25.26 -8.55
C HIS A 14 16.39 -24.49 -9.43
N VAL A 15 16.63 -24.46 -10.73
CA VAL A 15 15.72 -23.78 -11.63
C VAL A 15 14.43 -24.59 -11.72
N GLN A 16 14.58 -25.90 -11.87
CA GLN A 16 13.41 -26.78 -11.95
C GLN A 16 12.57 -26.61 -10.68
N ARG A 17 13.25 -26.58 -9.53
CA ARG A 17 12.56 -26.42 -8.26
C ARG A 17 11.79 -25.11 -8.21
N LEU A 18 12.43 -24.02 -8.65
CA LEU A 18 11.80 -22.71 -8.66
C LEU A 18 10.54 -22.67 -9.52
N LEU A 19 10.63 -23.19 -10.73
CA LEU A 19 9.50 -23.18 -11.64
C LEU A 19 8.31 -24.00 -11.14
N LEU A 20 8.59 -25.19 -10.61
CA LEU A 20 7.54 -26.08 -10.10
C LEU A 20 6.86 -25.50 -8.86
N SER A 21 7.65 -24.96 -7.93
CA SER A 21 7.09 -24.40 -6.71
C SER A 21 6.25 -23.17 -7.04
N SER A 22 6.77 -22.33 -7.93
CA SER A 22 6.08 -21.10 -8.33
C SER A 22 4.74 -21.45 -8.95
N ARG A 23 4.75 -22.42 -9.86
CA ARG A 23 3.53 -22.85 -10.54
C ARG A 23 2.53 -23.42 -9.54
N GLU A 24 3.02 -24.22 -8.60
CA GLU A 24 2.17 -24.84 -7.58
C GLU A 24 1.58 -23.80 -6.61
N ALA A 25 2.38 -22.80 -6.25
CA ALA A 25 1.94 -21.76 -5.33
C ALA A 25 0.75 -20.96 -5.85
N LYS A 26 0.65 -20.86 -7.17
CA LYS A 26 -0.43 -20.14 -7.82
C LYS A 26 -1.81 -20.70 -7.45
N LYS A 27 -1.87 -21.99 -7.08
CA LYS A 27 -3.12 -22.62 -6.72
C LYS A 27 -3.77 -22.07 -5.45
N SER A 28 -2.97 -21.48 -4.57
CA SER A 28 -3.50 -20.93 -3.31
C SER A 28 -3.94 -19.48 -3.41
N ALA A 29 -3.69 -18.85 -4.56
CA ALA A 29 -4.05 -17.46 -4.76
C ALA A 29 -5.47 -17.11 -4.33
N TYR A 30 -5.63 -15.95 -3.70
CA TYR A 30 -6.93 -15.46 -3.28
C TYR A 30 -7.12 -14.23 -4.16
N CYS A 31 -7.77 -14.44 -5.30
CA CYS A 31 -7.99 -13.36 -6.26
C CYS A 31 -9.38 -13.38 -6.89
N PRO A 32 -10.45 -13.28 -6.06
CA PRO A 32 -11.81 -13.29 -6.59
C PRO A 32 -12.19 -12.04 -7.39
N TYR A 33 -11.40 -10.98 -7.24
CA TYR A 33 -11.69 -9.74 -7.93
C TYR A 33 -11.07 -9.67 -9.32
N SER A 34 -9.79 -9.99 -9.43
CA SER A 34 -9.11 -9.93 -10.73
C SER A 34 -9.15 -11.25 -11.51
N ARG A 35 -9.32 -12.35 -10.79
CA ARG A 35 -9.32 -13.68 -11.40
C ARG A 35 -7.99 -13.83 -12.14
N PHE A 36 -6.95 -13.22 -11.58
CA PHE A 36 -5.61 -13.25 -12.15
C PHE A 36 -4.70 -13.85 -11.08
N PRO A 37 -4.60 -15.20 -11.05
CA PRO A 37 -3.77 -15.88 -10.06
C PRO A 37 -2.27 -15.77 -10.31
N VAL A 38 -1.52 -15.55 -9.23
CA VAL A 38 -0.08 -15.43 -9.33
C VAL A 38 0.60 -16.21 -8.21
N GLY A 39 1.63 -16.95 -8.58
CA GLY A 39 2.39 -17.73 -7.61
C GLY A 39 3.84 -17.33 -7.68
N ALA A 40 4.54 -17.47 -6.56
CA ALA A 40 5.95 -17.12 -6.49
C ALA A 40 6.70 -18.11 -5.61
N ALA A 41 7.97 -18.33 -5.92
CA ALA A 41 8.80 -19.24 -5.15
C ALA A 41 10.14 -18.55 -4.98
N LEU A 42 10.52 -18.32 -3.73
CA LEU A 42 11.76 -17.65 -3.36
C LEU A 42 12.79 -18.65 -2.89
N LEU A 43 13.97 -18.62 -3.51
CA LEU A 43 15.05 -19.53 -3.15
C LEU A 43 16.07 -18.82 -2.29
N THR A 44 16.30 -19.32 -1.08
CA THR A 44 17.28 -18.70 -0.19
C THR A 44 18.68 -19.24 -0.45
N GLY A 45 19.66 -18.64 0.23
CA GLY A 45 21.03 -19.06 0.08
C GLY A 45 21.33 -20.50 0.45
N ASP A 46 20.71 -21.00 1.51
CA ASP A 46 20.97 -22.37 1.95
C ASP A 46 20.12 -23.42 1.24
N GLY A 47 19.39 -23.01 0.22
CA GLY A 47 18.57 -23.96 -0.53
C GLY A 47 17.09 -24.08 -0.18
N ARG A 48 16.62 -23.34 0.82
CA ARG A 48 15.21 -23.41 1.20
C ARG A 48 14.35 -22.57 0.26
N ILE A 49 13.13 -23.04 0.00
CA ILE A 49 12.20 -22.34 -0.87
C ILE A 49 10.95 -21.89 -0.11
N PHE A 50 10.58 -20.63 -0.30
CA PHE A 50 9.39 -20.06 0.33
C PHE A 50 8.47 -19.69 -0.82
N SER A 51 7.23 -20.17 -0.75
CA SER A 51 6.27 -19.88 -1.81
C SER A 51 5.32 -18.77 -1.39
N GLY A 52 4.65 -18.19 -2.38
CA GLY A 52 3.71 -17.11 -2.09
C GLY A 52 2.71 -16.96 -3.22
N CYS A 53 1.62 -16.26 -2.93
CA CYS A 53 0.57 -16.03 -3.90
C CYS A 53 -0.05 -14.68 -3.63
N ASN A 54 -0.77 -14.13 -4.61
CA ASN A 54 -1.42 -12.85 -4.42
C ASN A 54 -2.66 -13.05 -3.56
N ILE A 55 -2.94 -12.08 -2.71
CA ILE A 55 -4.09 -12.14 -1.81
C ILE A 55 -4.76 -10.78 -1.89
N GLU A 56 -5.87 -10.73 -2.60
CA GLU A 56 -6.59 -9.47 -2.80
C GLU A 56 -7.52 -9.06 -1.66
N ASN A 57 -8.12 -7.87 -1.81
CA ASN A 57 -9.03 -7.33 -0.80
C ASN A 57 -10.16 -6.55 -1.46
N ALA A 58 -11.33 -6.58 -0.84
CA ALA A 58 -12.49 -5.86 -1.38
C ALA A 58 -12.01 -4.46 -1.77
N CYS A 59 -11.15 -3.87 -0.95
CA CYS A 59 -10.60 -2.57 -1.26
C CYS A 59 -9.28 -2.90 -1.94
N TYR A 60 -9.27 -2.82 -3.27
CA TYR A 60 -8.10 -3.14 -4.07
C TYR A 60 -6.72 -2.77 -3.53
N PRO A 61 -6.55 -1.52 -3.06
CA PRO A 61 -5.24 -1.12 -2.54
C PRO A 61 -4.66 -2.00 -1.43
N LEU A 62 -5.53 -2.74 -0.73
CA LEU A 62 -5.06 -3.57 0.36
C LEU A 62 -4.66 -5.00 0.02
N GLY A 63 -4.63 -5.32 -1.27
CA GLY A 63 -4.22 -6.66 -1.67
C GLY A 63 -2.70 -6.75 -1.55
N VAL A 64 -2.14 -7.93 -1.74
CA VAL A 64 -0.68 -8.11 -1.69
C VAL A 64 -0.27 -9.01 -2.86
N CYS A 65 0.90 -8.76 -3.43
CA CYS A 65 1.41 -9.55 -4.56
C CYS A 65 2.06 -10.85 -4.10
N ALA A 66 2.11 -11.84 -5.00
CA ALA A 66 2.70 -13.12 -4.69
C ALA A 66 4.15 -12.97 -4.24
N GLU A 67 4.93 -12.19 -4.97
CA GLU A 67 6.34 -11.99 -4.65
C GLU A 67 6.57 -11.51 -3.23
N ARG A 68 5.77 -10.53 -2.80
CA ARG A 68 5.91 -10.01 -1.45
C ARG A 68 5.39 -10.98 -0.41
N THR A 69 4.40 -11.77 -0.77
CA THR A 69 3.88 -12.75 0.18
C THR A 69 5.03 -13.70 0.50
N ALA A 70 5.74 -14.13 -0.53
CA ALA A 70 6.87 -15.04 -0.40
C ALA A 70 8.02 -14.42 0.40
N ILE A 71 8.41 -13.21 0.03
CA ILE A 71 9.50 -12.52 0.71
C ILE A 71 9.16 -12.29 2.20
N GLN A 72 7.95 -11.82 2.47
CA GLN A 72 7.54 -11.56 3.84
C GLN A 72 7.54 -12.85 4.66
N LYS A 73 7.16 -13.96 4.03
CA LYS A 73 7.16 -15.25 4.72
C LYS A 73 8.58 -15.60 5.15
N ALA A 74 9.52 -15.57 4.20
CA ALA A 74 10.90 -15.89 4.48
C ALA A 74 11.50 -15.04 5.60
N ILE A 75 11.35 -13.73 5.51
CA ILE A 75 11.89 -12.83 6.50
C ILE A 75 11.28 -13.07 7.89
N SER A 76 9.97 -13.31 7.95
CA SER A 76 9.33 -13.55 9.25
C SER A 76 9.90 -14.80 9.91
N GLU A 77 10.45 -15.70 9.09
CA GLU A 77 11.02 -16.93 9.59
C GLU A 77 12.54 -16.84 9.70
N GLY A 78 13.06 -15.62 9.58
CA GLY A 78 14.49 -15.40 9.72
C GLY A 78 15.41 -15.53 8.52
N TYR A 79 14.87 -15.62 7.30
CA TYR A 79 15.74 -15.73 6.14
C TYR A 79 15.76 -14.43 5.35
N LYS A 80 16.95 -13.86 5.22
CA LYS A 80 17.14 -12.61 4.50
C LYS A 80 18.14 -12.69 3.35
N ASP A 81 18.75 -13.85 3.15
CA ASP A 81 19.69 -14.03 2.05
C ASP A 81 18.97 -14.75 0.92
N PHE A 82 18.60 -14.00 -0.12
CA PHE A 82 17.87 -14.57 -1.25
C PHE A 82 18.71 -14.75 -2.51
N ARG A 83 18.59 -15.91 -3.13
CA ARG A 83 19.35 -16.22 -4.32
C ARG A 83 18.55 -15.95 -5.58
N ALA A 84 17.26 -16.28 -5.54
CA ALA A 84 16.41 -16.10 -6.69
C ALA A 84 14.94 -16.24 -6.34
N ILE A 85 14.10 -15.78 -7.27
CA ILE A 85 12.66 -15.85 -7.10
C ILE A 85 12.05 -16.00 -8.49
N ALA A 86 11.07 -16.91 -8.59
CA ALA A 86 10.39 -17.16 -9.86
C ALA A 86 8.92 -16.80 -9.68
N ILE A 87 8.30 -16.31 -10.75
CA ILE A 87 6.91 -15.88 -10.72
C ILE A 87 6.11 -16.63 -11.80
N SER A 88 4.89 -17.03 -11.45
CA SER A 88 4.03 -17.77 -12.37
C SER A 88 2.63 -17.16 -12.50
N SER A 89 2.05 -17.23 -13.69
CA SER A 89 0.70 -16.69 -13.91
C SER A 89 -0.01 -17.53 -14.96
N ASP A 90 -1.26 -17.18 -15.25
CA ASP A 90 -2.03 -17.92 -16.25
C ASP A 90 -1.84 -17.36 -17.66
N LEU A 91 -1.06 -16.28 -17.78
CA LEU A 91 -0.80 -15.68 -19.09
C LEU A 91 0.14 -16.57 -19.89
N GLN A 92 -0.38 -17.19 -20.94
CA GLN A 92 0.39 -18.10 -21.78
C GLN A 92 1.33 -17.42 -22.77
N GLU A 93 1.00 -16.21 -23.20
CA GLU A 93 1.81 -15.51 -24.18
C GLU A 93 2.64 -14.34 -23.65
N GLU A 94 2.80 -14.27 -22.33
CA GLU A 94 3.57 -13.21 -21.72
C GLU A 94 4.34 -13.71 -20.51
N PHE A 95 5.60 -13.29 -20.39
CA PHE A 95 6.38 -13.67 -19.22
C PHE A 95 5.81 -12.78 -18.11
N ILE A 96 5.46 -13.38 -16.98
CA ILE A 96 4.88 -12.59 -15.90
C ILE A 96 5.99 -11.81 -15.19
N SER A 97 5.83 -10.49 -15.16
CA SER A 97 6.82 -9.59 -14.58
C SER A 97 6.41 -8.97 -13.23
N PRO A 98 7.39 -8.81 -12.33
CA PRO A 98 7.07 -8.22 -11.02
C PRO A 98 6.77 -6.72 -11.13
N CYS A 99 5.77 -6.26 -10.38
CA CYS A 99 5.42 -4.85 -10.42
C CYS A 99 6.52 -4.06 -9.69
N GLY A 100 6.53 -2.76 -9.90
CA GLY A 100 7.54 -1.91 -9.29
C GLY A 100 7.63 -2.03 -7.78
N ALA A 101 6.49 -2.16 -7.11
CA ALA A 101 6.48 -2.26 -5.65
C ALA A 101 7.22 -3.51 -5.18
N CYS A 102 7.00 -4.62 -5.86
CA CYS A 102 7.68 -5.85 -5.48
C CYS A 102 9.17 -5.75 -5.74
N ARG A 103 9.54 -5.04 -6.78
CA ARG A 103 10.95 -4.86 -7.12
C ARG A 103 11.64 -4.07 -6.02
N GLN A 104 10.92 -3.12 -5.44
CA GLN A 104 11.46 -2.28 -4.37
C GLN A 104 11.68 -3.09 -3.10
N VAL A 105 10.74 -3.99 -2.80
CA VAL A 105 10.85 -4.82 -1.61
C VAL A 105 12.01 -5.79 -1.81
N MET A 106 12.13 -6.31 -3.03
CA MET A 106 13.21 -7.23 -3.36
C MET A 106 14.53 -6.50 -3.13
N ARG A 107 14.60 -5.27 -3.63
CA ARG A 107 15.81 -4.45 -3.52
C ARG A 107 16.21 -4.15 -2.09
N GLU A 108 15.25 -4.11 -1.18
CA GLU A 108 15.54 -3.82 0.21
C GLU A 108 16.49 -4.90 0.71
N PHE A 109 16.46 -6.06 0.07
CA PHE A 109 17.30 -7.15 0.48
C PHE A 109 18.37 -7.56 -0.54
N GLY A 110 18.76 -6.62 -1.38
CA GLY A 110 19.79 -6.92 -2.36
C GLY A 110 19.45 -6.63 -3.80
N THR A 111 20.45 -6.24 -4.57
CA THR A 111 20.27 -5.94 -5.98
C THR A 111 20.86 -7.07 -6.80
N ASP A 112 21.64 -7.94 -6.16
CA ASP A 112 22.29 -9.02 -6.89
C ASP A 112 21.68 -10.41 -6.80
N TRP A 113 20.40 -10.54 -7.13
CA TRP A 113 19.80 -11.87 -7.16
C TRP A 113 18.86 -11.96 -8.36
N ALA A 114 18.59 -13.19 -8.80
CA ALA A 114 17.78 -13.43 -9.99
C ALA A 114 16.27 -13.50 -9.86
N VAL A 115 15.60 -12.98 -10.89
CA VAL A 115 14.14 -12.99 -10.97
C VAL A 115 13.78 -13.76 -12.23
N TYR A 116 13.08 -14.88 -12.06
CA TYR A 116 12.65 -15.70 -13.18
C TYR A 116 11.23 -15.35 -13.58
N MET A 117 11.08 -14.67 -14.70
CA MET A 117 9.76 -14.29 -15.20
C MET A 117 9.36 -15.38 -16.18
N THR A 118 8.40 -16.20 -15.76
CA THR A 118 7.96 -17.36 -16.54
C THR A 118 6.67 -17.28 -17.33
N LYS A 119 6.44 -18.36 -18.07
CA LYS A 119 5.25 -18.56 -18.88
C LYS A 119 4.77 -19.95 -18.44
N PRO A 120 3.48 -20.24 -18.60
CA PRO A 120 2.98 -21.56 -18.20
C PRO A 120 3.71 -22.74 -18.86
N ASP A 121 4.26 -22.53 -20.05
CA ASP A 121 4.95 -23.62 -20.75
C ASP A 121 6.35 -23.93 -20.22
N GLY A 122 6.76 -23.25 -19.15
CA GLY A 122 8.07 -23.52 -18.60
C GLY A 122 9.21 -22.67 -19.11
N THR A 123 8.96 -21.88 -20.15
CA THR A 123 9.99 -21.01 -20.70
C THR A 123 10.07 -19.79 -19.78
N PHE A 124 11.19 -19.06 -19.82
CA PHE A 124 11.34 -17.91 -18.94
C PHE A 124 12.46 -16.98 -19.37
N VAL A 125 12.46 -15.80 -18.76
CA VAL A 125 13.46 -14.78 -18.98
C VAL A 125 14.00 -14.42 -17.59
N VAL A 126 15.32 -14.31 -17.46
CA VAL A 126 15.95 -13.98 -16.19
C VAL A 126 16.58 -12.60 -16.23
N ARG A 127 16.37 -11.84 -15.16
CA ARG A 127 16.92 -10.50 -15.02
C ARG A 127 17.22 -10.32 -13.53
N THR A 128 18.22 -9.50 -13.21
CA THR A 128 18.56 -9.28 -11.82
C THR A 128 17.69 -8.15 -11.27
N VAL A 129 17.64 -8.04 -9.95
CA VAL A 129 16.86 -6.98 -9.31
C VAL A 129 17.47 -5.64 -9.73
N GLN A 130 18.79 -5.58 -9.81
CA GLN A 130 19.46 -4.34 -10.23
C GLN A 130 18.97 -3.92 -11.62
N GLU A 131 18.87 -4.88 -12.54
CA GLU A 131 18.42 -4.59 -13.91
C GLU A 131 16.93 -4.23 -13.94
N LEU A 132 16.15 -4.84 -13.07
CA LEU A 132 14.72 -4.57 -13.01
C LEU A 132 14.41 -3.26 -12.30
N LEU A 133 15.37 -2.76 -11.53
CA LEU A 133 15.17 -1.51 -10.80
C LEU A 133 16.46 -0.68 -10.80
N PRO A 134 16.84 -0.14 -11.96
CA PRO A 134 18.05 0.67 -12.08
C PRO A 134 18.00 2.00 -11.31
N ALA A 135 19.15 2.46 -10.86
CA ALA A 135 19.24 3.72 -10.11
C ALA A 135 18.21 3.67 -8.99
N SER A 136 18.17 2.53 -8.32
CA SER A 136 17.20 2.30 -7.26
C SER A 136 17.27 3.16 -6.01
N PHE A 137 16.09 3.51 -5.49
CA PHE A 137 16.00 4.25 -4.25
C PHE A 137 16.23 3.13 -3.24
N GLY A 138 16.79 3.44 -2.08
CA GLY A 138 17.02 2.39 -1.10
C GLY A 138 17.53 2.88 0.24
N PRO A 139 18.02 1.96 1.08
CA PRO A 139 18.56 2.28 2.40
C PRO A 139 19.52 3.48 2.42
N GLU A 140 20.30 3.64 1.35
CA GLU A 140 21.27 4.74 1.27
C GLU A 140 20.62 6.12 1.29
N ASP A 141 19.39 6.20 0.80
CA ASP A 141 18.65 7.46 0.76
C ASP A 141 18.39 8.03 2.16
N LEU A 142 18.25 7.13 3.13
CA LEU A 142 18.02 7.53 4.50
C LEU A 142 19.32 7.38 5.27
N GLN A 143 20.40 7.21 4.53
CA GLN A 143 21.74 7.06 5.10
C GLN A 143 21.76 5.95 6.14
N LYS A 144 21.20 4.80 5.78
CA LYS A 144 21.13 3.66 6.67
C LYS A 144 22.31 2.70 6.51
N ILE A 145 23.13 2.91 5.50
CA ILE A 145 24.28 2.05 5.28
C ILE A 145 25.56 2.71 5.80
N GLN A 146 26.01 2.27 6.96
CA GLN A 146 27.21 2.82 7.59
C GLN A 146 28.00 1.78 8.37
N VAL B 10 11.56 17.92 -23.02
CA VAL B 10 10.48 18.95 -23.03
C VAL B 10 11.07 20.36 -23.08
N GLU B 11 10.23 21.33 -23.42
CA GLU B 11 10.66 22.71 -23.52
C GLU B 11 11.41 23.18 -22.28
N PRO B 12 12.58 23.83 -22.46
CA PRO B 12 13.40 24.34 -21.35
C PRO B 12 12.65 25.32 -20.47
N GLU B 13 11.60 25.91 -21.02
CA GLU B 13 10.77 26.86 -20.30
C GLU B 13 10.01 26.05 -19.25
N HIS B 14 9.41 24.95 -19.68
CA HIS B 14 8.66 24.07 -18.79
C HIS B 14 9.58 23.31 -17.84
N VAL B 15 10.74 22.92 -18.33
CA VAL B 15 11.71 22.18 -17.51
C VAL B 15 12.04 22.95 -16.24
N GLN B 16 12.36 24.24 -16.40
CA GLN B 16 12.71 25.08 -15.26
C GLN B 16 11.53 25.25 -14.31
N ARG B 17 10.37 25.57 -14.88
CA ARG B 17 9.17 25.77 -14.08
C ARG B 17 8.86 24.49 -13.31
N LEU B 18 9.04 23.35 -13.98
CA LEU B 18 8.78 22.06 -13.35
C LEU B 18 9.75 21.78 -12.21
N LEU B 19 11.03 22.06 -12.44
CA LEU B 19 12.05 21.85 -11.43
C LEU B 19 11.80 22.70 -10.18
N LEU B 20 11.45 23.97 -10.36
CA LEU B 20 11.17 24.82 -9.21
C LEU B 20 9.90 24.38 -8.49
N SER B 21 8.90 24.00 -9.25
CA SER B 21 7.64 23.56 -8.67
C SER B 21 7.88 22.35 -7.77
N SER B 22 8.79 21.48 -8.20
CA SER B 22 9.13 20.28 -7.46
C SER B 22 9.74 20.61 -6.09
N ARG B 23 10.65 21.58 -6.07
CA ARG B 23 11.29 21.99 -4.82
C ARG B 23 10.33 22.67 -3.86
N GLU B 24 9.49 23.56 -4.39
CA GLU B 24 8.53 24.28 -3.57
C GLU B 24 7.56 23.33 -2.88
N ALA B 25 7.13 22.30 -3.62
CA ALA B 25 6.20 21.30 -3.10
C ALA B 25 6.77 20.61 -1.87
N LYS B 26 8.07 20.44 -1.86
CA LYS B 26 8.77 19.80 -0.77
C LYS B 26 8.51 20.49 0.58
N LYS B 27 8.18 21.77 0.55
CA LYS B 27 7.90 22.54 1.76
C LYS B 27 6.68 22.07 2.54
N SER B 28 5.71 21.49 1.83
CA SER B 28 4.49 21.02 2.49
C SER B 28 4.57 19.59 3.01
N ALA B 29 5.69 18.92 2.76
CA ALA B 29 5.88 17.54 3.19
C ALA B 29 5.50 17.29 4.65
N TYR B 30 4.74 16.22 4.87
CA TYR B 30 4.35 15.81 6.22
C TYR B 30 5.15 14.53 6.44
N CYS B 31 6.32 14.66 7.05
CA CYS B 31 7.20 13.53 7.29
C CYS B 31 7.91 13.61 8.63
N PRO B 32 7.15 13.63 9.74
CA PRO B 32 7.72 13.70 11.09
C PRO B 32 8.40 12.41 11.55
N TYR B 33 8.15 11.32 10.83
CA TYR B 33 8.76 10.04 11.20
C TYR B 33 10.13 9.84 10.59
N SER B 34 10.25 10.10 9.28
CA SER B 34 11.53 9.93 8.60
C SER B 34 12.34 11.22 8.56
N ARG B 35 11.64 12.35 8.65
CA ARG B 35 12.27 13.66 8.57
C ARG B 35 13.02 13.72 7.25
N PHE B 36 12.43 13.11 6.22
CA PHE B 36 13.01 13.08 4.89
C PHE B 36 11.96 13.63 3.91
N PRO B 37 11.96 14.96 3.72
CA PRO B 37 10.99 15.59 2.82
C PRO B 37 11.27 15.37 1.33
N VAL B 38 10.22 15.13 0.58
CA VAL B 38 10.33 14.91 -0.85
C VAL B 38 9.24 15.69 -1.58
N GLY B 39 9.61 16.32 -2.69
CA GLY B 39 8.65 17.07 -3.47
C GLY B 39 8.67 16.56 -4.89
N ALA B 40 7.56 16.71 -5.61
CA ALA B 40 7.47 16.29 -6.99
C ALA B 40 6.53 17.21 -7.76
N ALA B 41 6.76 17.34 -9.06
CA ALA B 41 5.95 18.18 -9.90
C ALA B 41 5.79 17.46 -11.22
N LEU B 42 4.54 17.32 -11.67
CA LEU B 42 4.20 16.63 -12.89
C LEU B 42 3.74 17.61 -13.96
N LEU B 43 4.27 17.47 -15.18
CA LEU B 43 3.89 18.36 -16.29
C LEU B 43 2.96 17.60 -17.23
N THR B 44 1.78 18.16 -17.50
CA THR B 44 0.83 17.49 -18.39
C THR B 44 1.04 17.88 -19.85
N GLY B 45 0.43 17.11 -20.75
CA GLY B 45 0.56 17.38 -22.16
C GLY B 45 0.20 18.79 -22.59
N ASP B 46 -0.75 19.42 -21.92
CA ASP B 46 -1.17 20.77 -22.30
C ASP B 46 -0.45 21.88 -21.53
N GLY B 47 0.58 21.50 -20.76
CA GLY B 47 1.35 22.49 -20.04
C GLY B 47 1.04 22.77 -18.57
N ARG B 48 -0.04 22.19 -18.05
CA ARG B 48 -0.37 22.41 -16.64
C ARG B 48 0.55 21.59 -15.76
N ILE B 49 0.88 22.12 -14.58
CA ILE B 49 1.75 21.41 -13.65
C ILE B 49 1.02 21.06 -12.37
N PHE B 50 1.22 19.84 -11.89
CA PHE B 50 0.60 19.40 -10.63
C PHE B 50 1.72 18.91 -9.72
N SER B 51 1.77 19.44 -8.51
CA SER B 51 2.81 19.03 -7.59
C SER B 51 2.30 18.22 -6.39
N GLY B 52 3.23 17.59 -5.69
CA GLY B 52 2.87 16.79 -4.53
C GLY B 52 4.06 16.62 -3.59
N CYS B 53 3.78 16.09 -2.40
CA CYS B 53 4.82 15.88 -1.41
C CYS B 53 4.51 14.57 -0.70
N ASN B 54 5.51 14.03 0.00
CA ASN B 54 5.29 12.78 0.73
C ASN B 54 4.48 13.10 1.98
N ILE B 55 3.62 12.17 2.37
CA ILE B 55 2.75 12.33 3.53
C ILE B 55 2.79 11.03 4.30
N GLU B 56 3.51 11.02 5.42
CA GLU B 56 3.66 9.82 6.22
C GLU B 56 2.49 9.54 7.17
N ASN B 57 2.58 8.43 7.88
CA ASN B 57 1.55 8.01 8.83
C ASN B 57 2.22 7.24 9.96
N ALA B 58 1.66 7.36 11.16
CA ALA B 58 2.21 6.66 12.32
C ALA B 58 2.46 5.20 11.96
N CYS B 59 1.58 4.63 11.15
CA CYS B 59 1.77 3.26 10.68
C CYS B 59 2.39 3.46 9.30
N TYR B 60 3.70 3.30 9.23
CA TYR B 60 4.48 3.50 8.01
C TYR B 60 3.91 3.13 6.64
N PRO B 61 3.37 1.91 6.49
CA PRO B 61 2.82 1.49 5.19
C PRO B 61 1.74 2.38 4.63
N LEU B 62 1.04 3.09 5.51
CA LEU B 62 -0.06 3.97 5.12
C LEU B 62 0.37 5.34 4.59
N GLY B 63 1.68 5.58 4.56
CA GLY B 63 2.15 6.85 4.03
C GLY B 63 2.08 6.82 2.51
N VAL B 64 2.37 7.93 1.86
CA VAL B 64 2.37 8.00 0.40
C VAL B 64 3.54 8.87 -0.07
N CYS B 65 4.05 8.55 -1.26
CA CYS B 65 5.18 9.27 -1.83
C CYS B 65 4.77 10.52 -2.60
N ALA B 66 5.71 11.46 -2.70
CA ALA B 66 5.49 12.72 -3.41
C ALA B 66 5.01 12.51 -4.84
N GLU B 67 5.68 11.62 -5.56
CA GLU B 67 5.34 11.33 -6.95
C GLU B 67 3.88 10.96 -7.11
N ARG B 68 3.42 10.01 -6.31
CA ARG B 68 2.03 9.57 -6.39
C ARG B 68 1.05 10.63 -5.90
N THR B 69 1.47 11.46 -4.95
CA THR B 69 0.58 12.52 -4.46
C THR B 69 0.34 13.44 -5.65
N ALA B 70 1.40 13.74 -6.39
CA ALA B 70 1.32 14.60 -7.56
C ALA B 70 0.48 13.96 -8.69
N ILE B 71 0.78 12.70 -8.99
CA ILE B 71 0.07 11.98 -10.05
C ILE B 71 -1.41 11.83 -9.72
N GLN B 72 -1.71 11.49 -8.46
CA GLN B 72 -3.10 11.31 -8.04
C GLN B 72 -3.86 12.61 -8.17
N LYS B 73 -3.22 13.71 -7.76
CA LYS B 73 -3.82 15.04 -7.85
C LYS B 73 -4.22 15.32 -9.30
N ALA B 74 -3.26 15.20 -10.20
CA ALA B 74 -3.49 15.44 -11.62
C ALA B 74 -4.64 14.62 -12.20
N ILE B 75 -4.66 13.33 -11.91
CA ILE B 75 -5.72 12.45 -12.42
C ILE B 75 -7.09 12.83 -11.89
N SER B 76 -7.15 13.24 -10.63
CA SER B 76 -8.41 13.62 -10.02
C SER B 76 -8.97 14.88 -10.68
N GLU B 77 -8.13 15.61 -11.42
CA GLU B 77 -8.55 16.83 -12.10
C GLU B 77 -8.82 16.55 -13.57
N GLY B 78 -8.81 15.27 -13.94
CA GLY B 78 -9.09 14.91 -15.33
C GLY B 78 -7.90 14.88 -16.27
N TYR B 79 -6.68 14.89 -15.72
CA TYR B 79 -5.49 14.86 -16.56
C TYR B 79 -4.78 13.52 -16.48
N LYS B 80 -4.61 12.87 -17.62
CA LYS B 80 -3.93 11.58 -17.64
C LYS B 80 -2.83 11.52 -18.68
N ASP B 81 -2.53 12.67 -19.29
CA ASP B 81 -1.48 12.75 -20.30
C ASP B 81 -0.30 13.51 -19.70
N PHE B 82 0.74 12.76 -19.33
CA PHE B 82 1.92 13.36 -18.71
C PHE B 82 3.14 13.38 -19.62
N ARG B 83 3.90 14.47 -19.55
CA ARG B 83 5.11 14.63 -20.34
C ARG B 83 6.36 14.39 -19.51
N ALA B 84 6.33 14.80 -18.25
CA ALA B 84 7.49 14.63 -17.39
C ALA B 84 7.16 14.89 -15.93
N ILE B 85 8.01 14.37 -15.06
CA ILE B 85 7.83 14.55 -13.62
C ILE B 85 9.21 14.79 -13.03
N ALA B 86 9.31 15.75 -12.13
CA ALA B 86 10.58 16.06 -11.47
C ALA B 86 10.46 15.77 -9.99
N ILE B 87 11.53 15.25 -9.40
CA ILE B 87 11.55 14.89 -7.99
C ILE B 87 12.64 15.64 -7.23
N SER B 88 12.33 16.07 -6.01
CA SER B 88 13.28 16.82 -5.20
C SER B 88 13.31 16.36 -3.73
N SER B 89 14.50 16.34 -3.14
CA SER B 89 14.66 15.96 -1.74
C SER B 89 15.80 16.78 -1.15
N ASP B 90 16.11 16.55 0.12
CA ASP B 90 17.21 17.27 0.77
C ASP B 90 18.49 16.45 0.69
N LEU B 91 18.42 15.25 0.11
CA LEU B 91 19.60 14.39 -0.02
C LEU B 91 20.61 15.04 -0.95
N GLN B 92 21.73 15.48 -0.37
CA GLN B 92 22.78 16.15 -1.12
C GLN B 92 23.67 15.23 -1.95
N GLU B 93 24.05 14.10 -1.36
CA GLU B 93 24.95 13.14 -1.99
C GLU B 93 24.44 12.34 -3.19
N GLU B 94 23.15 12.38 -3.49
CA GLU B 94 22.66 11.59 -4.61
C GLU B 94 21.39 12.13 -5.24
N PHE B 95 21.21 11.86 -6.53
CA PHE B 95 20.00 12.29 -7.22
C PHE B 95 18.87 11.49 -6.60
N ILE B 96 17.73 12.12 -6.37
CA ILE B 96 16.61 11.40 -5.79
C ILE B 96 15.88 10.65 -6.90
N SER B 97 15.71 9.35 -6.72
CA SER B 97 15.02 8.55 -7.72
C SER B 97 13.74 7.97 -7.13
N PRO B 98 12.73 7.76 -7.99
CA PRO B 98 11.44 7.22 -7.55
C PRO B 98 11.52 5.76 -7.10
N CYS B 99 10.78 5.41 -6.06
CA CYS B 99 10.78 4.03 -5.59
C CYS B 99 10.03 3.23 -6.63
N GLY B 100 10.13 1.90 -6.53
CA GLY B 100 9.46 1.04 -7.49
C GLY B 100 7.96 1.23 -7.57
N ALA B 101 7.31 1.49 -6.44
CA ALA B 101 5.87 1.69 -6.43
C ALA B 101 5.48 2.90 -7.26
N CYS B 102 6.22 3.99 -7.11
CA CYS B 102 5.94 5.19 -7.88
C CYS B 102 6.17 4.95 -9.36
N ARG B 103 7.20 4.18 -9.68
CA ARG B 103 7.50 3.87 -11.08
C ARG B 103 6.34 3.10 -11.70
N GLN B 104 5.72 2.22 -10.91
CA GLN B 104 4.61 1.42 -11.42
C GLN B 104 3.35 2.27 -11.64
N VAL B 105 3.17 3.30 -10.82
CA VAL B 105 2.01 4.16 -10.97
C VAL B 105 2.24 5.04 -12.20
N MET B 106 3.48 5.48 -12.38
CA MET B 106 3.83 6.30 -13.55
C MET B 106 3.55 5.49 -14.82
N ARG B 107 3.98 4.22 -14.79
CA ARG B 107 3.83 3.32 -15.93
C ARG B 107 2.38 3.08 -16.32
N GLU B 108 1.49 3.12 -15.34
CA GLU B 108 0.08 2.91 -15.61
C GLU B 108 -0.33 3.91 -16.69
N PHE B 109 0.33 5.06 -16.73
CA PHE B 109 -0.02 6.07 -17.70
C PHE B 109 1.04 6.35 -18.78
N GLY B 110 1.73 5.29 -19.20
CA GLY B 110 2.72 5.46 -20.24
C GLY B 110 4.15 5.17 -19.83
N THR B 111 4.97 4.80 -20.81
CA THR B 111 6.37 4.48 -20.55
C THR B 111 7.34 5.44 -21.21
N ASP B 112 6.87 6.21 -22.18
CA ASP B 112 7.74 7.13 -22.91
C ASP B 112 7.98 8.52 -22.32
N TRP B 113 7.45 8.82 -21.14
CA TRP B 113 7.69 10.15 -20.58
C TRP B 113 8.93 10.27 -19.70
N ALA B 114 9.30 11.51 -19.39
CA ALA B 114 10.52 11.82 -18.65
C ALA B 114 10.47 11.97 -17.13
N VAL B 115 11.51 11.46 -16.48
CA VAL B 115 11.64 11.53 -15.03
C VAL B 115 12.93 12.29 -14.70
N TYR B 116 12.79 13.42 -14.02
CA TYR B 116 13.94 14.24 -13.64
C TYR B 116 14.33 13.99 -12.19
N MET B 117 15.47 13.33 -12.01
CA MET B 117 15.97 13.00 -10.68
C MET B 117 17.05 14.04 -10.34
N THR B 118 16.73 14.91 -9.38
CA THR B 118 17.61 16.02 -9.02
C THR B 118 18.35 15.96 -7.68
N LYS B 119 19.23 16.93 -7.49
CA LYS B 119 19.98 17.11 -6.25
C LYS B 119 19.62 18.52 -5.80
N PRO B 120 19.80 18.83 -4.51
CA PRO B 120 19.48 20.16 -4.01
C PRO B 120 20.19 21.32 -4.73
N ASP B 121 21.31 21.03 -5.38
CA ASP B 121 22.05 22.09 -6.07
C ASP B 121 21.56 22.40 -7.47
N GLY B 122 20.52 21.69 -7.92
CA GLY B 122 20.00 21.95 -9.26
C GLY B 122 20.43 20.99 -10.34
N THR B 123 21.45 20.18 -10.10
CA THR B 123 21.88 19.22 -11.11
C THR B 123 20.84 18.09 -11.14
N PHE B 124 20.78 17.37 -12.24
CA PHE B 124 19.82 16.30 -12.36
C PHE B 124 20.19 15.33 -13.46
N VAL B 125 19.50 14.19 -13.46
CA VAL B 125 19.68 13.16 -14.46
C VAL B 125 18.27 12.81 -14.92
N VAL B 126 18.11 12.55 -16.21
CA VAL B 126 16.80 12.21 -16.74
C VAL B 126 16.77 10.81 -17.33
N ARG B 127 15.68 10.09 -17.10
CA ARG B 127 15.50 8.76 -17.66
C ARG B 127 14.00 8.59 -17.89
N THR B 128 13.64 7.82 -18.91
CA THR B 128 12.22 7.60 -19.20
C THR B 128 11.67 6.58 -18.21
N VAL B 129 10.36 6.50 -18.14
CA VAL B 129 9.70 5.55 -17.24
C VAL B 129 10.12 4.14 -17.65
N GLN B 130 10.19 3.91 -18.97
CA GLN B 130 10.58 2.61 -19.51
C GLN B 130 11.97 2.20 -19.02
N GLU B 131 12.92 3.13 -19.05
CA GLU B 131 14.26 2.84 -18.61
C GLU B 131 14.33 2.61 -17.10
N LEU B 132 13.39 3.20 -16.36
CA LEU B 132 13.37 3.02 -14.91
C LEU B 132 12.57 1.78 -14.51
N LEU B 133 11.82 1.20 -15.44
CA LEU B 133 11.02 0.01 -15.15
C LEU B 133 10.99 -0.91 -16.36
N PRO B 134 12.12 -1.56 -16.68
CA PRO B 134 12.23 -2.47 -17.83
C PRO B 134 11.34 -3.70 -17.70
N ALA B 135 10.96 -4.28 -18.84
CA ALA B 135 10.11 -5.46 -18.85
C ALA B 135 9.02 -5.31 -17.80
N SER B 136 8.29 -4.21 -17.87
CA SER B 136 7.25 -3.92 -16.88
C SER B 136 5.91 -4.61 -17.01
N PHE B 137 5.26 -4.79 -15.86
CA PHE B 137 3.93 -5.36 -15.79
C PHE B 137 3.09 -4.12 -16.02
N GLY B 138 1.94 -4.28 -16.67
CA GLY B 138 1.10 -3.12 -16.93
C GLY B 138 -0.31 -3.49 -17.33
N PRO B 139 -1.10 -2.52 -17.81
CA PRO B 139 -2.48 -2.77 -18.23
C PRO B 139 -2.64 -3.92 -19.22
N GLU B 140 -1.73 -4.01 -20.18
CA GLU B 140 -1.80 -5.07 -21.19
C GLU B 140 -1.94 -6.46 -20.59
N ASP B 141 -1.31 -6.66 -19.43
CA ASP B 141 -1.38 -7.96 -18.76
C ASP B 141 -2.81 -8.36 -18.42
N LEU B 142 -3.69 -7.37 -18.25
CA LEU B 142 -5.06 -7.66 -17.89
C LEU B 142 -6.08 -7.45 -19.01
N GLN B 143 -5.61 -7.34 -20.24
CA GLN B 143 -6.50 -7.16 -21.37
C GLN B 143 -6.86 -8.48 -22.05
N LYS B 144 -7.72 -8.39 -23.07
CA LYS B 144 -8.19 -9.56 -23.83
C LYS B 144 -9.25 -10.31 -23.04
N ALA C 9 -20.22 17.16 13.19
CA ALA C 9 -21.17 17.39 12.06
C ALA C 9 -21.31 18.88 11.76
N VAL C 10 -21.48 19.21 10.48
CA VAL C 10 -21.59 20.61 10.07
C VAL C 10 -22.95 21.05 9.51
N GLU C 11 -23.01 22.32 9.11
CA GLU C 11 -24.20 22.92 8.53
C GLU C 11 -24.62 22.26 7.23
N PRO C 12 -25.93 22.17 6.98
CA PRO C 12 -26.48 21.55 5.77
C PRO C 12 -25.88 22.14 4.49
N GLU C 13 -25.41 23.38 4.56
CA GLU C 13 -24.84 24.00 3.37
C GLU C 13 -23.46 23.44 3.03
N HIS C 14 -22.61 23.32 4.04
CA HIS C 14 -21.27 22.77 3.84
C HIS C 14 -21.40 21.29 3.49
N VAL C 15 -22.40 20.64 4.10
CA VAL C 15 -22.67 19.22 3.85
C VAL C 15 -23.09 19.02 2.40
N GLN C 16 -23.94 19.92 1.91
CA GLN C 16 -24.43 19.85 0.53
C GLN C 16 -23.28 20.09 -0.44
N ARG C 17 -22.45 21.09 -0.15
CA ARG C 17 -21.31 21.39 -1.00
C ARG C 17 -20.36 20.19 -1.02
N LEU C 18 -20.16 19.58 0.14
CA LEU C 18 -19.30 18.40 0.23
C LEU C 18 -19.93 17.31 -0.63
N LEU C 19 -21.24 17.15 -0.49
CA LEU C 19 -22.01 16.16 -1.25
C LEU C 19 -21.77 16.31 -2.75
N LEU C 20 -22.12 17.48 -3.27
CA LEU C 20 -21.96 17.75 -4.70
C LEU C 20 -20.52 17.59 -5.15
N SER C 21 -19.59 18.01 -4.30
CA SER C 21 -18.18 17.91 -4.66
C SER C 21 -17.71 16.47 -4.81
N SER C 22 -18.09 15.61 -3.86
CA SER C 22 -17.68 14.21 -3.92
C SER C 22 -18.27 13.52 -5.16
N ARG C 23 -19.53 13.81 -5.45
CA ARG C 23 -20.21 13.24 -6.60
C ARG C 23 -19.55 13.71 -7.89
N GLU C 24 -19.18 14.98 -7.91
CA GLU C 24 -18.53 15.56 -9.10
C GLU C 24 -17.12 14.97 -9.24
N ALA C 25 -16.44 14.77 -8.13
CA ALA C 25 -15.10 14.21 -8.14
C ALA C 25 -15.15 12.78 -8.67
N LYS C 26 -16.21 12.07 -8.30
CA LYS C 26 -16.38 10.68 -8.73
C LYS C 26 -16.35 10.49 -10.24
N LYS C 27 -16.67 11.55 -10.99
CA LYS C 27 -16.68 11.47 -12.45
C LYS C 27 -15.29 11.32 -13.05
N SER C 28 -14.27 11.68 -12.28
CA SER C 28 -12.89 11.58 -12.75
C SER C 28 -12.21 10.27 -12.36
N ALA C 29 -12.91 9.45 -11.59
CA ALA C 29 -12.36 8.17 -11.14
C ALA C 29 -11.73 7.35 -12.25
N TYR C 30 -10.53 6.84 -11.99
CA TYR C 30 -9.83 5.99 -12.94
C TYR C 30 -9.93 4.60 -12.33
N CYS C 31 -10.96 3.85 -12.75
CA CYS C 31 -11.20 2.51 -12.22
C CYS C 31 -11.64 1.51 -13.28
N PRO C 32 -10.82 1.29 -14.32
CA PRO C 32 -11.17 0.35 -15.38
C PRO C 32 -11.17 -1.12 -14.95
N TYR C 33 -10.55 -1.43 -13.81
CA TYR C 33 -10.49 -2.81 -13.35
C TYR C 33 -11.71 -3.24 -12.55
N SER C 34 -12.10 -2.41 -11.58
CA SER C 34 -13.26 -2.72 -10.74
C SER C 34 -14.53 -2.11 -11.32
N ARG C 35 -14.36 -1.03 -12.08
CA ARG C 35 -15.49 -0.30 -12.64
C ARG C 35 -16.40 0.07 -11.48
N PHE C 36 -15.78 0.42 -10.37
CA PHE C 36 -16.48 0.83 -9.15
C PHE C 36 -15.99 2.23 -8.82
N PRO C 37 -16.66 3.26 -9.36
CA PRO C 37 -16.31 4.67 -9.13
C PRO C 37 -16.58 5.14 -7.71
N VAL C 38 -15.65 5.90 -7.14
CA VAL C 38 -15.80 6.45 -5.80
C VAL C 38 -15.30 7.89 -5.78
N GLY C 39 -16.06 8.77 -5.12
CA GLY C 39 -15.68 10.16 -5.03
C GLY C 39 -15.65 10.56 -3.56
N ALA C 40 -14.84 11.56 -3.23
CA ALA C 40 -14.73 12.04 -1.87
C ALA C 40 -14.41 13.53 -1.87
N ALA C 41 -14.79 14.22 -0.79
CA ALA C 41 -14.52 15.64 -0.67
C ALA C 41 -14.42 15.98 0.80
N LEU C 42 -13.39 16.74 1.18
CA LEU C 42 -13.23 17.09 2.57
C LEU C 42 -13.27 18.58 2.80
N LEU C 43 -13.67 18.94 4.02
CA LEU C 43 -13.79 20.33 4.42
C LEU C 43 -12.73 20.69 5.46
N THR C 44 -11.94 21.72 5.19
CA THR C 44 -10.90 22.16 6.11
C THR C 44 -11.50 23.13 7.14
N GLY C 45 -10.72 23.47 8.15
CA GLY C 45 -11.21 24.38 9.18
C GLY C 45 -11.58 25.76 8.65
N ASP C 46 -10.86 26.25 7.66
CA ASP C 46 -11.15 27.58 7.13
C ASP C 46 -12.21 27.57 6.03
N GLY C 47 -12.87 26.43 5.88
CA GLY C 47 -13.94 26.32 4.89
C GLY C 47 -13.60 25.91 3.46
N ARG C 48 -12.34 25.58 3.19
CA ARG C 48 -11.98 25.18 1.83
C ARG C 48 -12.31 23.70 1.59
N ILE C 49 -12.58 23.34 0.34
CA ILE C 49 -12.92 21.96 0.00
C ILE C 49 -11.95 21.32 -0.99
N PHE C 50 -11.58 20.09 -0.70
CA PHE C 50 -10.68 19.34 -1.57
C PHE C 50 -11.34 18.01 -1.85
N SER C 51 -11.37 17.61 -3.11
CA SER C 51 -12.01 16.36 -3.49
C SER C 51 -11.05 15.35 -4.11
N GLY C 52 -11.52 14.12 -4.25
CA GLY C 52 -10.70 13.09 -4.83
C GLY C 52 -11.52 11.92 -5.33
N CYS C 53 -10.86 11.05 -6.08
CA CYS C 53 -11.50 9.87 -6.64
C CYS C 53 -10.51 8.71 -6.54
N ASN C 54 -11.01 7.48 -6.64
CA ASN C 54 -10.13 6.35 -6.58
C ASN C 54 -9.36 6.30 -7.89
N ILE C 55 -8.13 5.81 -7.83
CA ILE C 55 -7.25 5.73 -8.99
C ILE C 55 -6.57 4.38 -8.91
N GLU C 56 -7.00 3.46 -9.77
CA GLU C 56 -6.47 2.11 -9.76
C GLU C 56 -5.20 1.89 -10.58
N ASN C 57 -4.66 0.68 -10.48
CA ASN C 57 -3.45 0.31 -11.18
C ASN C 57 -3.56 -1.13 -11.66
N ALA C 58 -2.91 -1.46 -12.78
CA ALA C 58 -2.96 -2.82 -13.30
C ALA C 58 -2.62 -3.78 -12.17
N CYS C 59 -1.67 -3.38 -11.33
CA CYS C 59 -1.31 -4.16 -10.16
C CYS C 59 -2.17 -3.58 -9.05
N TYR C 60 -3.28 -4.26 -8.76
CA TYR C 60 -4.25 -3.82 -7.77
C TYR C 60 -3.77 -3.12 -6.50
N PRO C 61 -2.77 -3.70 -5.81
CA PRO C 61 -2.28 -3.07 -4.58
C PRO C 61 -1.75 -1.64 -4.70
N LEU C 62 -1.48 -1.19 -5.93
CA LEU C 62 -0.94 0.16 -6.12
C LEU C 62 -2.01 1.20 -6.42
N GLY C 63 -3.27 0.83 -6.24
CA GLY C 63 -4.33 1.79 -6.48
C GLY C 63 -4.45 2.65 -5.23
N VAL C 64 -5.28 3.69 -5.29
CA VAL C 64 -5.50 4.56 -4.14
C VAL C 64 -6.98 4.87 -4.02
N CYS C 65 -7.45 5.08 -2.81
CA CYS C 65 -8.85 5.36 -2.54
C CYS C 65 -9.18 6.84 -2.71
N ALA C 66 -10.45 7.12 -2.97
CA ALA C 66 -10.90 8.50 -3.15
C ALA C 66 -10.62 9.33 -1.91
N GLU C 67 -10.87 8.78 -0.73
CA GLU C 67 -10.64 9.52 0.51
C GLU C 67 -9.20 9.99 0.64
N ARG C 68 -8.25 9.08 0.41
CA ARG C 68 -6.84 9.42 0.52
C ARG C 68 -6.37 10.34 -0.61
N THR C 69 -7.02 10.28 -1.77
CA THR C 69 -6.63 11.18 -2.86
C THR C 69 -7.03 12.61 -2.40
N ALA C 70 -8.22 12.72 -1.82
CA ALA C 70 -8.70 14.02 -1.34
C ALA C 70 -7.80 14.54 -0.21
N ILE C 71 -7.59 13.70 0.79
CA ILE C 71 -6.75 14.06 1.94
C ILE C 71 -5.33 14.46 1.53
N GLN C 72 -4.73 13.67 0.64
CA GLN C 72 -3.37 13.94 0.17
C GLN C 72 -3.28 15.25 -0.59
N LYS C 73 -4.33 15.58 -1.34
CA LYS C 73 -4.37 16.83 -2.10
C LYS C 73 -4.37 18.02 -1.14
N ALA C 74 -5.24 17.95 -0.13
CA ALA C 74 -5.34 19.02 0.87
C ALA C 74 -4.01 19.25 1.58
N ILE C 75 -3.43 18.18 2.10
CA ILE C 75 -2.16 18.28 2.80
C ILE C 75 -1.05 18.85 1.93
N SER C 76 -0.98 18.40 0.69
CA SER C 76 0.04 18.87 -0.24
C SER C 76 -0.07 20.38 -0.45
N GLU C 77 -1.23 20.95 -0.13
CA GLU C 77 -1.42 22.38 -0.30
C GLU C 77 -1.38 23.13 1.04
N GLY C 78 -0.90 22.44 2.08
CA GLY C 78 -0.77 23.07 3.37
C GLY C 78 -1.91 22.92 4.38
N TYR C 79 -2.94 22.16 4.07
CA TYR C 79 -4.05 22.01 4.99
C TYR C 79 -4.04 20.69 5.74
N LYS C 80 -4.09 20.77 7.07
CA LYS C 80 -4.08 19.58 7.91
C LYS C 80 -5.18 19.64 8.98
N ASP C 81 -6.02 20.66 8.92
CA ASP C 81 -7.12 20.81 9.88
C ASP C 81 -8.40 20.45 9.14
N PHE C 82 -8.93 19.25 9.40
CA PHE C 82 -10.12 18.78 8.70
C PHE C 82 -11.35 18.75 9.58
N ARG C 83 -12.47 19.18 9.02
CA ARG C 83 -13.73 19.20 9.76
C ARG C 83 -14.65 18.06 9.36
N ALA C 84 -14.65 17.73 8.07
CA ALA C 84 -15.50 16.66 7.59
C ALA C 84 -15.09 16.14 6.23
N ILE C 85 -15.50 14.92 5.92
CA ILE C 85 -15.22 14.30 4.63
C ILE C 85 -16.46 13.52 4.21
N ALA C 86 -16.86 13.69 2.96
CA ALA C 86 -18.02 13.00 2.42
C ALA C 86 -17.57 12.03 1.34
N ILE C 87 -18.19 10.86 1.30
CA ILE C 87 -17.84 9.82 0.33
C ILE C 87 -19.07 9.45 -0.50
N SER C 88 -18.87 9.30 -1.81
CA SER C 88 -19.95 8.96 -2.72
C SER C 88 -19.57 7.83 -3.67
N SER C 89 -20.53 6.95 -3.94
CA SER C 89 -20.30 5.83 -4.85
C SER C 89 -21.56 5.58 -5.68
N ASP C 90 -21.58 4.48 -6.43
CA ASP C 90 -22.73 4.14 -7.24
C ASP C 90 -23.60 3.07 -6.58
N LEU C 91 -23.21 2.62 -5.39
CA LEU C 91 -24.00 1.62 -4.67
C LEU C 91 -25.32 2.26 -4.25
N GLN C 92 -26.42 1.74 -4.77
CA GLN C 92 -27.74 2.27 -4.48
C GLN C 92 -28.27 2.00 -3.07
N GLU C 93 -28.19 0.75 -2.64
CA GLU C 93 -28.71 0.39 -1.33
C GLU C 93 -27.65 0.25 -0.24
N GLU C 94 -26.51 0.90 -0.43
CA GLU C 94 -25.42 0.81 0.53
C GLU C 94 -24.80 2.17 0.78
N PHE C 95 -24.64 2.54 2.05
CA PHE C 95 -23.97 3.80 2.36
C PHE C 95 -22.51 3.42 2.14
N ILE C 96 -21.80 4.19 1.32
CA ILE C 96 -20.40 3.87 1.06
C ILE C 96 -19.54 4.22 2.26
N SER C 97 -18.90 3.20 2.83
CA SER C 97 -18.06 3.36 4.02
C SER C 97 -16.56 3.36 3.71
N PRO C 98 -15.79 4.17 4.46
CA PRO C 98 -14.35 4.21 4.21
C PRO C 98 -13.66 2.91 4.60
N CYS C 99 -12.67 2.48 3.81
CA CYS C 99 -11.96 1.25 4.12
C CYS C 99 -11.06 1.53 5.32
N GLY C 100 -10.55 0.48 5.95
CA GLY C 100 -9.70 0.63 7.11
C GLY C 100 -8.46 1.49 6.92
N ALA C 101 -7.82 1.39 5.76
CA ALA C 101 -6.62 2.18 5.51
C ALA C 101 -6.95 3.67 5.46
N CYS C 102 -8.11 4.02 4.91
CA CYS C 102 -8.49 5.42 4.83
C CYS C 102 -8.80 5.98 6.22
N ARG C 103 -9.41 5.15 7.07
CA ARG C 103 -9.74 5.55 8.42
C ARG C 103 -8.45 5.84 9.18
N GLN C 104 -7.43 5.01 8.97
CA GLN C 104 -6.14 5.21 9.64
C GLN C 104 -5.46 6.49 9.16
N VAL C 105 -5.58 6.80 7.87
CA VAL C 105 -4.98 8.04 7.36
C VAL C 105 -5.75 9.23 7.91
N MET C 106 -7.06 9.11 8.00
CA MET C 106 -7.90 10.18 8.55
C MET C 106 -7.48 10.42 10.00
N ARG C 107 -7.32 9.31 10.73
CA ARG C 107 -6.95 9.39 12.14
C ARG C 107 -5.64 10.13 12.36
N GLU C 108 -4.69 9.96 11.44
CA GLU C 108 -3.39 10.64 11.57
C GLU C 108 -3.61 12.13 11.80
N PHE C 109 -4.74 12.64 11.35
CA PHE C 109 -5.04 14.05 11.49
C PHE C 109 -6.24 14.37 12.37
N GLY C 110 -6.41 13.59 13.42
CA GLY C 110 -7.52 13.82 14.34
C GLY C 110 -8.56 12.71 14.33
N THR C 111 -9.28 12.60 15.44
CA THR C 111 -10.31 11.59 15.60
C THR C 111 -11.68 12.23 15.79
N ASP C 112 -11.67 13.51 16.13
CA ASP C 112 -12.91 14.25 16.37
C ASP C 112 -13.50 15.00 15.18
N TRP C 113 -13.57 14.35 14.02
CA TRP C 113 -14.17 14.98 12.86
C TRP C 113 -15.10 14.00 12.15
N ALA C 114 -16.09 14.56 11.46
CA ALA C 114 -17.13 13.79 10.79
C ALA C 114 -16.86 13.17 9.44
N VAL C 115 -17.41 11.97 9.26
CA VAL C 115 -17.33 11.20 8.03
C VAL C 115 -18.75 10.96 7.54
N TYR C 116 -19.08 11.52 6.39
CA TYR C 116 -20.40 11.36 5.80
C TYR C 116 -20.44 10.24 4.78
N MET C 117 -21.07 9.14 5.16
CA MET C 117 -21.20 7.96 4.32
C MET C 117 -22.57 8.06 3.62
N THR C 118 -22.54 8.37 2.32
CA THR C 118 -23.76 8.59 1.55
C THR C 118 -24.22 7.49 0.59
N LYS C 119 -25.43 7.69 0.06
CA LYS C 119 -26.04 6.83 -0.94
C LYS C 119 -26.28 7.80 -2.09
N PRO C 120 -26.49 7.28 -3.31
CA PRO C 120 -26.72 8.13 -4.48
C PRO C 120 -27.89 9.13 -4.35
N ASP C 121 -28.87 8.83 -3.50
CA ASP C 121 -30.01 9.73 -3.34
C ASP C 121 -29.76 10.88 -2.37
N GLY C 122 -28.55 10.97 -1.83
CA GLY C 122 -28.26 12.05 -0.90
C GLY C 122 -28.45 11.70 0.57
N THR C 123 -29.02 10.54 0.85
CA THR C 123 -29.21 10.12 2.23
C THR C 123 -27.83 9.73 2.74
N PHE C 124 -27.61 9.81 4.05
CA PHE C 124 -26.29 9.50 4.60
C PHE C 124 -26.31 9.13 6.07
N VAL C 125 -25.17 8.63 6.53
CA VAL C 125 -24.96 8.27 7.93
C VAL C 125 -23.65 8.97 8.26
N VAL C 126 -23.61 9.64 9.41
CA VAL C 126 -22.40 10.34 9.81
C VAL C 126 -21.88 9.81 11.13
N ARG C 127 -20.59 9.49 11.14
CA ARG C 127 -19.93 8.98 12.35
C ARG C 127 -18.59 9.72 12.44
N THR C 128 -18.04 9.82 13.64
CA THR C 128 -16.76 10.49 13.80
C THR C 128 -15.66 9.51 13.40
N VAL C 129 -14.44 10.00 13.22
CA VAL C 129 -13.31 9.14 12.86
C VAL C 129 -13.09 8.19 14.03
N GLN C 130 -13.23 8.73 15.24
CA GLN C 130 -13.06 7.94 16.46
C GLN C 130 -14.03 6.76 16.48
N GLU C 131 -15.27 7.00 16.06
CA GLU C 131 -16.26 5.93 16.06
C GLU C 131 -16.02 4.90 14.95
N LEU C 132 -15.32 5.31 13.90
CA LEU C 132 -15.02 4.39 12.80
C LEU C 132 -13.71 3.64 13.02
N LEU C 133 -12.90 4.13 13.95
CA LEU C 133 -11.62 3.50 14.25
C LEU C 133 -11.33 3.53 15.74
N PRO C 134 -12.11 2.78 16.54
CA PRO C 134 -11.93 2.74 17.99
C PRO C 134 -10.61 2.14 18.48
N ALA C 135 -10.14 2.61 19.62
CA ALA C 135 -8.89 2.13 20.22
C ALA C 135 -7.82 2.07 19.14
N SER C 136 -7.72 3.15 18.36
CA SER C 136 -6.79 3.23 17.25
C SER C 136 -5.31 3.36 17.56
N PHE C 137 -4.50 2.92 16.61
CA PHE C 137 -3.06 3.05 16.70
C PHE C 137 -2.87 4.45 16.17
N GLY C 138 -1.98 5.23 16.77
CA GLY C 138 -1.79 6.58 16.28
C GLY C 138 -0.40 7.11 16.58
N PRO C 139 -0.12 8.38 16.25
CA PRO C 139 1.18 9.01 16.49
C PRO C 139 1.68 8.86 17.93
N GLU C 140 0.76 8.83 18.89
CA GLU C 140 1.14 8.71 20.29
C GLU C 140 1.84 7.39 20.60
N ASP C 141 1.50 6.35 19.85
CA ASP C 141 2.11 5.04 20.04
C ASP C 141 3.62 5.09 19.86
N LEU C 142 4.08 5.94 18.95
CA LEU C 142 5.50 6.07 18.69
C LEU C 142 6.11 7.15 19.59
N VAL D 10 -4.66 -17.25 35.10
CA VAL D 10 -4.48 -18.28 34.03
C VAL D 10 -5.41 -18.04 32.85
N GLU D 11 -4.86 -18.24 31.65
CA GLU D 11 -5.64 -18.04 30.42
C GLU D 11 -5.84 -19.39 29.75
N PRO D 12 -6.83 -19.50 28.84
CA PRO D 12 -7.07 -20.76 28.15
C PRO D 12 -5.80 -21.16 27.42
N GLU D 13 -5.62 -22.45 27.18
CA GLU D 13 -4.42 -22.92 26.49
C GLU D 13 -4.13 -22.16 25.20
N HIS D 14 -5.14 -22.04 24.33
CA HIS D 14 -4.94 -21.35 23.07
C HIS D 14 -4.57 -19.88 23.24
N VAL D 15 -5.03 -19.25 24.32
CA VAL D 15 -4.69 -17.85 24.58
C VAL D 15 -3.22 -17.74 24.97
N GLN D 16 -2.71 -18.69 25.74
CA GLN D 16 -1.32 -18.68 26.17
C GLN D 16 -0.41 -18.88 24.96
N ARG D 17 -0.83 -19.77 24.05
CA ARG D 17 -0.07 -20.06 22.85
C ARG D 17 0.02 -18.81 21.98
N LEU D 18 -1.13 -18.18 21.74
CA LEU D 18 -1.19 -16.97 20.93
C LEU D 18 -0.29 -15.89 21.50
N LEU D 19 -0.48 -15.57 22.78
CA LEU D 19 0.29 -14.54 23.45
C LEU D 19 1.80 -14.78 23.37
N LEU D 20 2.21 -16.03 23.59
CA LEU D 20 3.63 -16.35 23.55
C LEU D 20 4.17 -16.33 22.12
N SER D 21 3.41 -16.86 21.17
CA SER D 21 3.86 -16.87 19.78
C SER D 21 3.98 -15.45 19.25
N SER D 22 3.02 -14.61 19.61
CA SER D 22 3.01 -13.22 19.19
C SER D 22 4.25 -12.52 19.71
N ARG D 23 4.57 -12.80 20.97
CA ARG D 23 5.74 -12.21 21.62
C ARG D 23 7.02 -12.69 20.93
N GLU D 24 7.06 -13.98 20.59
CA GLU D 24 8.24 -14.57 19.94
C GLU D 24 8.47 -14.04 18.51
N ALA D 25 7.39 -13.91 17.74
CA ALA D 25 7.50 -13.44 16.36
C ALA D 25 8.13 -12.04 16.31
N LYS D 26 7.95 -11.29 17.37
CA LYS D 26 8.47 -9.94 17.49
C LYS D 26 10.00 -9.91 17.25
N LYS D 27 10.67 -11.01 17.60
CA LYS D 27 12.12 -11.10 17.42
C LYS D 27 12.61 -11.09 15.97
N SER D 28 11.78 -11.57 15.05
CA SER D 28 12.18 -11.59 13.65
C SER D 28 11.89 -10.26 12.93
N ALA D 29 11.30 -9.32 13.64
CA ALA D 29 10.96 -8.02 13.06
C ALA D 29 12.10 -7.32 12.33
N TYR D 30 11.84 -6.89 11.10
CA TYR D 30 12.81 -6.14 10.32
C TYR D 30 12.30 -4.70 10.34
N CYS D 31 12.79 -3.91 11.29
CA CYS D 31 12.35 -2.53 11.46
C CYS D 31 13.49 -1.57 11.76
N PRO D 32 14.51 -1.50 10.88
CA PRO D 32 15.61 -0.59 11.14
C PRO D 32 15.25 0.90 11.09
N TYR D 33 14.13 1.24 10.47
CA TYR D 33 13.74 2.65 10.37
C TYR D 33 12.98 3.17 11.58
N SER D 34 12.03 2.40 12.08
CA SER D 34 11.26 2.83 13.22
C SER D 34 11.83 2.30 14.53
N ARG D 35 12.51 1.16 14.46
CA ARG D 35 13.08 0.54 15.65
C ARG D 35 11.89 0.26 16.59
N PHE D 36 10.76 -0.08 15.99
CA PHE D 36 9.54 -0.38 16.74
C PHE D 36 9.07 -1.76 16.31
N PRO D 37 9.64 -2.82 16.90
CA PRO D 37 9.29 -4.20 16.57
C PRO D 37 7.86 -4.61 16.94
N VAL D 38 7.22 -5.35 16.05
CA VAL D 38 5.86 -5.84 16.27
C VAL D 38 5.72 -7.29 15.85
N GLY D 39 5.07 -8.08 16.69
CA GLY D 39 4.87 -9.48 16.38
C GLY D 39 3.39 -9.79 16.38
N ALA D 40 3.00 -10.82 15.64
CA ALA D 40 1.59 -11.22 15.57
C ALA D 40 1.52 -12.74 15.47
N ALA D 41 0.42 -13.30 15.99
CA ALA D 41 0.21 -14.74 15.96
C ALA D 41 -1.25 -14.97 15.57
N LEU D 42 -1.46 -15.73 14.50
CA LEU D 42 -2.81 -16.00 14.01
C LEU D 42 -3.24 -17.44 14.29
N LEU D 43 -4.33 -17.59 15.03
CA LEU D 43 -4.88 -18.90 15.38
C LEU D 43 -6.00 -19.29 14.42
N THR D 44 -5.85 -20.43 13.76
CA THR D 44 -6.88 -20.90 12.83
C THR D 44 -7.90 -21.78 13.57
N GLY D 45 -9.01 -22.06 12.89
CA GLY D 45 -10.05 -22.88 13.49
C GLY D 45 -9.58 -24.27 13.86
N ASP D 46 -8.64 -24.82 13.10
CA ASP D 46 -8.14 -26.18 13.36
C ASP D 46 -6.97 -26.22 14.35
N GLY D 47 -6.63 -25.08 14.94
CA GLY D 47 -5.56 -25.05 15.91
C GLY D 47 -4.17 -24.64 15.48
N ARG D 48 -3.93 -24.49 14.17
CA ARG D 48 -2.60 -24.10 13.71
C ARG D 48 -2.35 -22.62 13.93
N ILE D 49 -1.12 -22.28 14.27
CA ILE D 49 -0.75 -20.90 14.50
C ILE D 49 0.24 -20.39 13.47
N PHE D 50 -0.06 -19.23 12.91
CA PHE D 50 0.83 -18.60 11.94
C PHE D 50 1.30 -17.29 12.55
N SER D 51 2.61 -17.08 12.56
CA SER D 51 3.15 -15.87 13.15
C SER D 51 3.63 -14.87 12.10
N GLY D 52 3.82 -13.62 12.52
CA GLY D 52 4.26 -12.59 11.61
C GLY D 52 4.92 -11.45 12.34
N CYS D 53 5.65 -10.62 11.61
CA CYS D 53 6.33 -9.47 12.20
C CYS D 53 6.31 -8.34 11.17
N ASN D 54 6.50 -7.11 11.62
CA ASN D 54 6.52 -6.01 10.67
C ASN D 54 7.82 -6.08 9.88
N ILE D 55 7.76 -5.74 8.59
CA ILE D 55 8.93 -5.74 7.71
C ILE D 55 8.92 -4.43 6.95
N GLU D 56 9.78 -3.51 7.36
CA GLU D 56 9.86 -2.17 6.77
C GLU D 56 10.67 -2.08 5.49
N ASN D 57 10.61 -0.90 4.87
CA ASN D 57 11.32 -0.63 3.62
C ASN D 57 11.85 0.80 3.66
N ALA D 58 12.99 1.03 3.00
CA ALA D 58 13.59 2.36 2.96
C ALA D 58 12.50 3.34 2.53
N CYS D 59 11.64 2.90 1.62
CA CYS D 59 10.52 3.72 1.19
C CYS D 59 9.41 3.24 2.14
N TYR D 60 9.20 4.00 3.21
CA TYR D 60 8.22 3.66 4.25
C TYR D 60 6.91 3.00 3.83
N PRO D 61 6.25 3.53 2.78
CA PRO D 61 4.98 2.95 2.32
C PRO D 61 5.03 1.48 1.89
N LEU D 62 6.22 0.98 1.56
CA LEU D 62 6.34 -0.41 1.11
C LEU D 62 6.53 -1.42 2.22
N GLY D 63 6.50 -0.98 3.47
CA GLY D 63 6.63 -1.91 4.56
C GLY D 63 5.33 -2.66 4.78
N VAL D 64 5.34 -3.67 5.65
CA VAL D 64 4.12 -4.43 5.94
C VAL D 64 4.03 -4.65 7.44
N CYS D 65 2.81 -4.69 7.96
CA CYS D 65 2.58 -4.90 9.39
C CYS D 65 2.61 -6.37 9.77
N ALA D 66 2.89 -6.64 11.03
CA ALA D 66 2.97 -8.01 11.53
C ALA D 66 1.66 -8.77 11.31
N GLU D 67 0.54 -8.12 11.56
CA GLU D 67 -0.76 -8.76 11.39
C GLU D 67 -1.02 -9.27 9.97
N ARG D 68 -0.64 -8.49 8.96
CA ARG D 68 -0.83 -8.90 7.58
C ARG D 68 0.21 -9.93 7.17
N THR D 69 1.42 -9.82 7.72
CA THR D 69 2.48 -10.78 7.42
C THR D 69 1.97 -12.16 7.85
N ALA D 70 1.37 -12.22 9.04
CA ALA D 70 0.83 -13.46 9.57
C ALA D 70 -0.38 -13.98 8.79
N ILE D 71 -1.31 -13.06 8.46
CA ILE D 71 -2.50 -13.42 7.70
C ILE D 71 -2.14 -13.92 6.29
N GLN D 72 -1.20 -13.24 5.65
CA GLN D 72 -0.78 -13.63 4.30
C GLN D 72 -0.11 -15.00 4.30
N LYS D 73 0.66 -15.28 5.36
CA LYS D 73 1.34 -16.56 5.47
C LYS D 73 0.27 -17.67 5.56
N ALA D 74 -0.74 -17.45 6.39
CA ALA D 74 -1.81 -18.43 6.56
C ALA D 74 -2.55 -18.74 5.25
N ILE D 75 -2.98 -17.69 4.58
CA ILE D 75 -3.71 -17.81 3.31
C ILE D 75 -2.87 -18.48 2.23
N SER D 76 -1.59 -18.13 2.16
CA SER D 76 -0.72 -18.70 1.14
C SER D 76 -0.60 -20.22 1.30
N GLU D 77 -0.92 -20.71 2.49
CA GLU D 77 -0.84 -22.14 2.76
C GLU D 77 -2.20 -22.83 2.83
N GLY D 78 -3.24 -22.12 2.42
CA GLY D 78 -4.57 -22.71 2.41
C GLY D 78 -5.46 -22.52 3.62
N TYR D 79 -5.10 -21.62 4.52
CA TYR D 79 -5.91 -21.39 5.72
C TYR D 79 -6.63 -20.04 5.67
N LYS D 80 -7.96 -20.10 5.70
CA LYS D 80 -8.79 -18.90 5.67
C LYS D 80 -9.75 -18.83 6.87
N ASP D 81 -9.82 -19.91 7.63
CA ASP D 81 -10.69 -19.94 8.80
C ASP D 81 -9.88 -19.46 9.99
N PHE D 82 -10.06 -18.20 10.36
CA PHE D 82 -9.31 -17.63 11.48
C PHE D 82 -10.17 -17.46 12.73
N ARG D 83 -9.59 -17.84 13.86
CA ARG D 83 -10.28 -17.77 15.14
C ARG D 83 -9.85 -16.55 15.94
N ALA D 84 -8.56 -16.25 15.93
CA ALA D 84 -8.05 -15.11 16.69
C ALA D 84 -6.65 -14.75 16.27
N ILE D 85 -6.26 -13.53 16.61
CA ILE D 85 -4.92 -13.04 16.30
C ILE D 85 -4.47 -12.14 17.45
N ALA D 86 -3.21 -12.29 17.85
CA ALA D 86 -2.66 -11.49 18.94
C ALA D 86 -1.52 -10.62 18.41
N ILE D 87 -1.38 -9.43 18.98
CA ILE D 87 -0.33 -8.50 18.56
C ILE D 87 0.54 -8.12 19.77
N SER D 88 1.85 -8.11 19.57
CA SER D 88 2.80 -7.76 20.63
C SER D 88 3.77 -6.67 20.18
N SER D 89 4.18 -5.83 21.13
CA SER D 89 5.12 -4.75 20.83
C SER D 89 5.90 -4.46 22.10
N ASP D 90 6.80 -3.48 22.04
CA ASP D 90 7.59 -3.12 23.21
C ASP D 90 6.94 -1.97 23.97
N LEU D 91 5.79 -1.50 23.47
CA LEU D 91 5.05 -0.42 24.12
C LEU D 91 4.59 -0.95 25.47
N GLN D 92 5.26 -0.51 26.53
CA GLN D 92 4.98 -0.95 27.90
C GLN D 92 3.63 -0.54 28.49
N GLU D 93 3.27 0.74 28.36
CA GLU D 93 2.02 1.21 28.93
C GLU D 93 1.03 1.68 27.88
N GLU D 94 0.49 0.72 27.13
CA GLU D 94 -0.49 0.96 26.08
C GLU D 94 -0.64 -0.33 25.29
N PHE D 95 -1.87 -0.83 25.16
CA PHE D 95 -2.08 -2.05 24.41
C PHE D 95 -1.83 -1.77 22.93
N ILE D 96 -1.04 -2.62 22.28
CA ILE D 96 -0.76 -2.43 20.86
C ILE D 96 -2.01 -2.78 20.06
N SER D 97 -2.52 -1.79 19.32
CA SER D 97 -3.72 -1.96 18.52
C SER D 97 -3.41 -2.03 17.02
N PRO D 98 -4.21 -2.81 16.28
CA PRO D 98 -3.97 -2.94 14.83
C PRO D 98 -4.35 -1.67 14.06
N CYS D 99 -3.53 -1.31 13.08
CA CYS D 99 -3.80 -0.13 12.27
C CYS D 99 -5.06 -0.41 11.47
N GLY D 100 -5.60 0.62 10.83
CA GLY D 100 -6.81 0.46 10.06
C GLY D 100 -6.65 -0.44 8.86
N ALA D 101 -5.49 -0.40 8.22
CA ALA D 101 -5.25 -1.24 7.05
C ALA D 101 -5.33 -2.71 7.43
N CYS D 102 -4.74 -3.06 8.58
CA CYS D 102 -4.75 -4.45 9.03
C CYS D 102 -6.15 -4.93 9.39
N ARG D 103 -6.95 -4.05 9.99
CA ARG D 103 -8.33 -4.39 10.35
C ARG D 103 -9.12 -4.70 9.09
N GLN D 104 -8.83 -4.00 8.00
CA GLN D 104 -9.54 -4.22 6.74
C GLN D 104 -9.18 -5.57 6.14
N VAL D 105 -7.92 -5.97 6.28
CA VAL D 105 -7.47 -7.25 5.75
C VAL D 105 -8.12 -8.36 6.57
N MET D 106 -8.18 -8.17 7.88
CA MET D 106 -8.81 -9.17 8.74
C MET D 106 -10.26 -9.34 8.34
N ARG D 107 -10.96 -8.22 8.15
CA ARG D 107 -12.38 -8.23 7.80
C ARG D 107 -12.67 -8.97 6.48
N GLU D 108 -11.69 -9.01 5.59
CA GLU D 108 -11.89 -9.70 4.31
C GLU D 108 -12.22 -11.15 4.61
N PHE D 109 -11.77 -11.65 5.76
CA PHE D 109 -12.01 -13.03 6.11
C PHE D 109 -12.91 -13.24 7.32
N GLY D 110 -13.80 -12.29 7.58
CA GLY D 110 -14.72 -12.43 8.69
C GLY D 110 -14.68 -11.27 9.66
N THR D 111 -15.79 -11.05 10.34
CA THR D 111 -15.90 -9.97 11.30
C THR D 111 -16.16 -10.47 12.72
N ASP D 112 -16.52 -11.74 12.86
CA ASP D 112 -16.82 -12.29 14.17
C ASP D 112 -15.65 -12.93 14.94
N TRP D 113 -14.41 -12.72 14.51
CA TRP D 113 -13.30 -13.33 15.26
C TRP D 113 -12.54 -12.35 16.15
N ALA D 114 -11.74 -12.90 17.07
CA ALA D 114 -11.03 -12.10 18.07
C ALA D 114 -9.65 -11.53 17.75
N VAL D 115 -9.39 -10.35 18.32
CA VAL D 115 -8.13 -9.64 18.18
C VAL D 115 -7.63 -9.35 19.59
N TYR D 116 -6.46 -9.89 19.92
CA TYR D 116 -5.87 -9.69 21.25
C TYR D 116 -4.80 -8.61 21.23
N MET D 117 -5.12 -7.47 21.84
CA MET D 117 -4.21 -6.32 21.92
C MET D 117 -3.47 -6.41 23.25
N THR D 118 -2.17 -6.70 23.18
CA THR D 118 -1.37 -6.89 24.40
C THR D 118 -0.35 -5.83 24.80
N LYS D 119 0.28 -6.09 25.94
CA LYS D 119 1.33 -5.26 26.53
C LYS D 119 2.40 -6.28 26.87
N PRO D 120 3.66 -5.85 27.08
CA PRO D 120 4.73 -6.78 27.41
C PRO D 120 4.48 -7.63 28.66
N ASP D 121 3.76 -7.09 29.65
CA ASP D 121 3.50 -7.82 30.88
C ASP D 121 2.50 -8.95 30.69
N GLY D 122 1.97 -9.09 29.48
CA GLY D 122 1.03 -10.16 29.23
C GLY D 122 -0.44 -9.83 29.39
N THR D 123 -0.75 -8.63 29.87
CA THR D 123 -2.15 -8.23 30.01
C THR D 123 -2.66 -7.85 28.63
N PHE D 124 -3.98 -7.82 28.44
CA PHE D 124 -4.52 -7.52 27.12
C PHE D 124 -5.99 -7.14 27.12
N VAL D 125 -6.44 -6.63 25.98
CA VAL D 125 -7.82 -6.25 25.76
C VAL D 125 -8.21 -7.01 24.49
N VAL D 126 -9.39 -7.61 24.48
CA VAL D 126 -9.82 -8.36 23.30
C VAL D 126 -11.12 -7.83 22.71
N ARG D 127 -11.08 -7.51 21.42
CA ARG D 127 -12.25 -6.99 20.72
C ARG D 127 -12.39 -7.82 19.45
N THR D 128 -13.59 -7.84 18.88
CA THR D 128 -13.81 -8.57 17.66
C THR D 128 -13.43 -7.63 16.52
N VAL D 129 -13.28 -8.19 15.32
CA VAL D 129 -12.94 -7.41 14.14
C VAL D 129 -14.08 -6.42 13.90
N GLN D 130 -15.31 -6.89 14.08
CA GLN D 130 -16.50 -6.06 13.88
C GLN D 130 -16.41 -4.80 14.74
N GLU D 131 -16.08 -4.99 16.02
CA GLU D 131 -15.98 -3.88 16.95
C GLU D 131 -14.85 -2.91 16.61
N LEU D 132 -13.77 -3.42 16.02
CA LEU D 132 -12.65 -2.56 15.66
C LEU D 132 -12.83 -1.90 14.29
N LEU D 133 -13.79 -2.39 13.51
CA LEU D 133 -14.04 -1.83 12.18
C LEU D 133 -15.53 -1.81 11.91
N PRO D 134 -16.28 -0.95 12.62
CA PRO D 134 -17.73 -0.86 12.44
C PRO D 134 -18.17 -0.29 11.10
N ALA D 135 -19.35 -0.69 10.65
CA ALA D 135 -19.90 -0.22 9.39
C ALA D 135 -18.84 -0.32 8.30
N SER D 136 -18.18 -1.46 8.27
CA SER D 136 -17.09 -1.70 7.33
C SER D 136 -17.43 -1.92 5.85
N PHE D 137 -16.47 -1.56 5.01
CA PHE D 137 -16.59 -1.77 3.57
C PHE D 137 -16.13 -3.22 3.48
N GLY D 138 -16.76 -4.01 2.63
CA GLY D 138 -16.36 -5.41 2.51
C GLY D 138 -16.62 -6.03 1.16
N PRO D 139 -16.32 -7.33 1.01
CA PRO D 139 -16.51 -8.06 -0.25
C PRO D 139 -17.94 -7.90 -0.78
N GLU D 140 -18.90 -7.82 0.14
CA GLU D 140 -20.31 -7.68 -0.23
C GLU D 140 -20.59 -6.46 -1.09
N ASP D 141 -19.91 -5.36 -0.82
CA ASP D 141 -20.12 -4.14 -1.58
C ASP D 141 -19.71 -4.27 -3.03
N LEU D 142 -18.94 -5.30 -3.34
CA LEU D 142 -18.50 -5.50 -4.72
C LEU D 142 -19.23 -6.61 -5.46
N GLN D 143 -20.17 -7.29 -4.81
CA GLN D 143 -20.89 -8.35 -5.51
C GLN D 143 -21.70 -7.68 -6.62
N LYS D 144 -21.58 -8.19 -7.84
CA LYS D 144 -22.29 -7.62 -8.98
C LYS D 144 -23.81 -7.56 -8.82
N ILE D 145 -24.40 -8.60 -8.22
CA ILE D 145 -25.86 -8.63 -8.03
C ILE D 145 -26.24 -8.08 -6.67
N GLN D 146 -27.12 -7.07 -6.66
CA GLN D 146 -27.55 -6.46 -5.42
C GLN D 146 -28.98 -5.94 -5.46
ZN ZN E . 3.86 -6.69 -7.04
S SO4 F . 22.45 1.18 -9.97
O1 SO4 F . 21.34 0.88 -10.85
O2 SO4 F . 22.60 2.63 -9.92
O3 SO4 F . 22.16 0.64 -8.67
O4 SO4 F . 23.67 0.57 -10.45
O5' CTN G . -2.51 -7.28 -10.89
C5' CTN G . -3.64 -8.13 -10.81
C4' CTN G . -3.50 -9.11 -9.67
O4' CTN G . -2.29 -9.91 -9.87
C1' CTN G . -1.40 -9.71 -8.78
N1 CTN G . -0.01 -9.70 -9.26
C6 CTN G . 0.31 -9.08 -10.44
C5 CTN G . 1.56 -9.09 -10.91
C4 CTN G . 2.54 -9.78 -10.12
N3 CTN G . 2.26 -10.37 -8.96
C2 CTN G . 0.99 -10.36 -8.50
O2 CTN G . 0.68 -10.89 -7.42
N4 CTN G . 3.60 -10.25 -10.79
C2' CTN G . -1.84 -8.40 -8.14
O2' CTN G . -1.35 -8.32 -6.82
C3' CTN G . -3.35 -8.49 -8.29
O3' CTN G . -3.88 -9.47 -7.39
ZN ZN H . 7.48 6.14 -4.09
N1 URI I . 9.77 8.94 -0.74
C2 URI I . 9.15 9.65 -1.78
N3 URI I . 9.34 9.25 -3.07
C4 URI I . 10.11 8.19 -3.33
C5 URI I . 10.75 7.44 -2.29
C6 URI I . 10.56 7.85 -1.03
O2 URI I . 8.28 10.49 -1.49
O4 URI I . 9.62 7.29 -4.24
C1' URI I . 9.39 9.25 0.65
C2' URI I . 8.61 8.11 1.30
C3' URI I . 8.86 8.40 2.78
C4' URI I . 10.29 8.92 2.79
O2' URI I . 7.25 8.15 0.91
O3' URI I . 7.97 9.38 3.28
O4' URI I . 10.55 9.39 1.44
C5' URI I . 11.33 7.91 3.16
O5' URI I . 10.88 6.61 2.82
N NH3 J . 11.52 9.37 -4.32
ZN ZN K . -9.79 3.41 1.39
O5' CTN L . -12.42 -1.52 -3.85
C5' CTN L . -12.83 -1.24 -5.19
C4' CTN L . -12.42 0.14 -5.64
O4' CTN L . -13.14 1.14 -4.85
C1' CTN L . -12.22 2.01 -4.23
N1 CTN L . -12.76 2.44 -2.93
C6 CTN L . -13.36 1.52 -2.11
C5 CTN L . -13.90 1.88 -0.94
C4 CTN L . -13.81 3.26 -0.60
N3 CTN L . -13.20 4.18 -1.35
C2 CTN L . -12.65 3.79 -2.53
O2 CTN L . -12.07 4.61 -3.27
N4 CTN L . -14.75 3.72 0.23
C2' CTN L . -10.92 1.21 -4.14
O2' CTN L . -9.81 2.07 -3.96
C3' CTN L . -10.95 0.47 -5.48
O3' CTN L . -10.64 1.40 -6.53
ZN ZN M . -1.26 -2.62 10.19
O5' CTN N . 4.10 2.03 12.63
C5' CTN N . 5.50 1.86 12.80
C4' CTN N . 5.94 0.44 12.47
O4' CTN N . 5.17 -0.50 13.27
C1' CTN N . 4.46 -1.38 12.42
N1 CTN N . 3.18 -1.73 13.03
C6 CTN N . 2.41 -0.79 13.66
C5 CTN N . 1.26 -1.12 14.26
C4 CTN N . 0.87 -2.49 14.22
N3 CTN N . 1.59 -3.43 13.58
C2 CTN N . 2.73 -3.08 12.97
O2 CTN N . 3.42 -3.92 12.36
N4 CTN N . 0.02 -2.91 15.15
C2' CTN N . 4.39 -0.67 11.08
O2' CTN N . 4.15 -1.59 10.03
C3' CTN N . 5.75 0.01 11.02
O3' CTN N . 6.77 -0.97 10.80
#